data_5WZF
#
_entry.id   5WZF
#
_cell.length_a   48.810
_cell.length_b   59.140
_cell.length_c   79.290
_cell.angle_alpha   90.000
_cell.angle_beta   90.000
_cell.angle_gamma   90.000
#
_symmetry.space_group_name_H-M   'P 21 21 21'
#
loop_
_entity.id
_entity.type
_entity.pdbx_description
1 polymer '23S rRNA-specific endonuclease VapC20'
2 polymer '23S rRNA-specific endonuclease VapC20'
3 water water
#
loop_
_entity_poly.entity_id
_entity_poly.type
_entity_poly.pdbx_seq_one_letter_code
_entity_poly.pdbx_strand_id
1 'polypeptide(L)'
;MGSSHHHHHHSQASIFVDTSFWAALGNAGDARHGTAKRLWASKPPVVMTSNHVLGETWTLLNRRCGHRAAVAAAAIRLST
VVRVEHVTADLEEQAWEWLVRHDEREYSFVDATSFAVMRKKGIQNAYAFDGDFSAAGFVEVRPE
;
A
2 'polypeptide(L)'
;MGSSHHHHHHSQASIFVDTSFWAALGNAGDARHGTAKRLWASKPPVVMTSNHVLGETWTLLNRR(CSO)GHRAAVAAAAI
RLSTVVRVEHVTADLEEQAWEWLVRHDEREYSFVDATSFAVMRKKGIQNAYAFDGDFSAAGFVEVRPE
;
B
#
# COMPACT_ATOMS: atom_id res chain seq x y z
N SER A 14 -10.67 11.27 -16.87
CA SER A 14 -10.57 12.71 -16.77
C SER A 14 -10.26 13.17 -15.34
N ILE A 15 -10.51 12.30 -14.37
CA ILE A 15 -10.14 12.58 -12.99
C ILE A 15 -9.67 11.31 -12.28
N PHE A 16 -8.58 11.43 -11.52
CA PHE A 16 -8.07 10.35 -10.68
C PHE A 16 -8.34 10.67 -9.22
N VAL A 17 -8.82 9.68 -8.48
CA VAL A 17 -9.21 9.89 -7.09
C VAL A 17 -8.21 9.25 -6.14
N ASP A 18 -7.73 10.04 -5.19
CA ASP A 18 -6.73 9.60 -4.22
C ASP A 18 -7.35 9.12 -2.91
N THR A 19 -6.56 8.39 -2.13
CA THR A 19 -6.95 7.94 -0.80
C THR A 19 -7.50 9.07 0.08
N SER A 20 -6.83 10.21 0.05
CA SER A 20 -7.20 11.35 0.88
C SER A 20 -8.63 11.80 0.60
N PHE A 21 -9.05 11.69 -0.66
CA PHE A 21 -10.42 12.05 -1.03
C PHE A 21 -11.41 10.97 -0.60
N TRP A 22 -11.10 9.72 -0.91
CA TRP A 22 -11.99 8.61 -0.53
C TRP A 22 -12.23 8.61 0.97
N ALA A 23 -11.16 8.87 1.73
CA ALA A 23 -11.23 8.88 3.19
C ALA A 23 -12.09 10.03 3.70
N ALA A 24 -12.03 11.17 3.02
CA ALA A 24 -12.84 12.33 3.40
C ALA A 24 -14.32 12.09 3.07
N LEU A 25 -14.56 11.47 1.91
CA LEU A 25 -15.91 11.18 1.47
C LEU A 25 -16.54 10.10 2.35
N GLY A 26 -15.73 9.10 2.71
CA GLY A 26 -16.24 7.96 3.46
C GLY A 26 -16.33 8.16 4.96
N ASN A 27 -15.90 9.32 5.43
CA ASN A 27 -15.92 9.62 6.86
C ASN A 27 -16.58 10.97 7.09
N ALA A 28 -17.83 10.94 7.54
CA ALA A 28 -18.61 12.16 7.76
C ALA A 28 -17.97 13.06 8.81
N GLY A 29 -17.06 12.50 9.61
CA GLY A 29 -16.37 13.26 10.62
C GLY A 29 -15.09 13.92 10.12
N ASP A 30 -14.68 13.57 8.90
CA ASP A 30 -13.49 14.16 8.31
C ASP A 30 -13.69 15.66 8.10
N ALA A 31 -12.63 16.43 8.33
CA ALA A 31 -12.70 17.88 8.22
C ALA A 31 -12.98 18.31 6.79
N ARG A 32 -12.60 17.49 5.82
CA ARG A 32 -12.81 17.82 4.41
C ARG A 32 -13.97 17.04 3.80
N HIS A 33 -14.80 16.44 4.65
CA HIS A 33 -15.95 15.67 4.17
C HIS A 33 -16.91 16.52 3.34
N GLY A 34 -17.16 17.74 3.81
CA GLY A 34 -18.05 18.66 3.12
C GLY A 34 -17.55 19.01 1.74
N THR A 35 -16.25 19.30 1.65
CA THR A 35 -15.63 19.62 0.37
C THR A 35 -15.66 18.42 -0.57
N ALA A 36 -15.39 17.24 -0.02
CA ALA A 36 -15.41 16.01 -0.79
C ALA A 36 -16.80 15.75 -1.37
N LYS A 37 -17.84 15.98 -0.58
CA LYS A 37 -19.21 15.78 -1.04
C LYS A 37 -19.57 16.71 -2.19
N ARG A 38 -19.15 17.97 -2.11
CA ARG A 38 -19.47 18.92 -3.17
C ARG A 38 -18.73 18.55 -4.45
N LEU A 39 -17.47 18.15 -4.31
CA LEU A 39 -16.67 17.75 -5.46
C LEU A 39 -17.23 16.49 -6.10
N TRP A 40 -17.72 15.57 -5.27
CA TRP A 40 -18.28 14.33 -5.76
C TRP A 40 -19.55 14.58 -6.55
N ALA A 41 -20.30 15.60 -6.14
CA ALA A 41 -21.56 15.95 -6.80
C ALA A 41 -21.31 16.55 -8.18
N SER A 42 -20.15 17.18 -8.37
CA SER A 42 -19.85 17.87 -9.62
C SER A 42 -18.72 17.19 -10.38
N LYS A 43 -18.54 15.89 -10.16
CA LYS A 43 -17.50 15.13 -10.85
C LYS A 43 -17.87 14.91 -12.32
N PRO A 44 -16.85 14.77 -13.18
CA PRO A 44 -17.04 14.44 -14.60
C PRO A 44 -17.52 12.99 -14.75
N PRO A 45 -18.02 12.62 -15.94
CA PRO A 45 -18.51 11.26 -16.15
C PRO A 45 -17.45 10.18 -15.96
N VAL A 46 -16.19 10.49 -16.29
CA VAL A 46 -15.11 9.52 -16.18
C VAL A 46 -14.32 9.72 -14.89
N VAL A 47 -14.36 8.71 -14.02
CA VAL A 47 -13.69 8.78 -12.73
C VAL A 47 -12.84 7.53 -12.48
N MET A 48 -11.56 7.74 -12.17
CA MET A 48 -10.61 6.66 -12.05
C MET A 48 -9.94 6.62 -10.68
N THR A 49 -9.57 5.42 -10.25
CA THR A 49 -8.73 5.28 -9.06
C THR A 49 -7.86 4.03 -9.27
N SER A 50 -7.12 3.61 -8.26
CA SER A 50 -6.25 2.45 -8.42
C SER A 50 -6.47 1.42 -7.32
N ASN A 51 -5.94 0.21 -7.53
CA ASN A 51 -6.02 -0.84 -6.52
C ASN A 51 -5.22 -0.45 -5.28
N HIS A 52 -4.06 0.17 -5.49
CA HIS A 52 -3.24 0.63 -4.38
C HIS A 52 -3.95 1.69 -3.54
N VAL A 53 -4.64 2.60 -4.20
CA VAL A 53 -5.39 3.64 -3.49
C VAL A 53 -6.54 3.03 -2.68
N LEU A 54 -7.28 2.11 -3.28
CA LEU A 54 -8.41 1.51 -2.59
C LEU A 54 -7.93 0.73 -1.38
N GLY A 55 -6.82 0.02 -1.54
CA GLY A 55 -6.24 -0.74 -0.45
C GLY A 55 -5.83 0.16 0.71
N GLU A 56 -5.22 1.29 0.38
CA GLU A 56 -4.81 2.24 1.40
C GLU A 56 -6.05 2.82 2.08
N THR A 57 -7.08 3.08 1.28
CA THR A 57 -8.33 3.63 1.80
C THR A 57 -8.99 2.66 2.77
N TRP A 58 -9.02 1.37 2.41
CA TRP A 58 -9.50 0.35 3.33
C TRP A 58 -8.80 0.46 4.67
N THR A 59 -7.47 0.46 4.64
CA THR A 59 -6.67 0.43 5.85
C THR A 59 -6.92 1.65 6.71
N LEU A 60 -7.00 2.81 6.08
CA LEU A 60 -7.22 4.06 6.78
C LEU A 60 -8.60 4.09 7.45
N LEU A 61 -9.64 3.74 6.68
CA LEU A 61 -11.00 3.78 7.20
C LEU A 61 -11.26 2.69 8.24
N ASN A 62 -10.64 1.53 8.06
CA ASN A 62 -10.78 0.44 9.01
C ASN A 62 -10.20 0.85 10.36
N ARG A 63 -9.07 1.54 10.32
CA ARG A 63 -8.41 2.01 11.52
C ARG A 63 -9.17 3.17 12.18
N ARG A 64 -9.68 4.09 11.37
CA ARG A 64 -10.29 5.31 11.88
C ARG A 64 -11.77 5.15 12.25
N CYS A 65 -12.49 4.34 11.47
CA CYS A 65 -13.94 4.29 11.62
C CYS A 65 -14.46 2.89 11.92
N GLY A 66 -13.71 1.87 11.48
CA GLY A 66 -14.09 0.49 11.75
C GLY A 66 -14.42 -0.31 10.51
N HIS A 67 -14.73 -1.58 10.71
CA HIS A 67 -14.90 -2.53 9.62
C HIS A 67 -16.03 -2.16 8.66
N ARG A 68 -17.17 -1.76 9.19
CA ARG A 68 -18.33 -1.44 8.37
C ARG A 68 -18.04 -0.29 7.42
N ALA A 69 -17.34 0.71 7.92
CA ALA A 69 -16.97 1.87 7.11
C ALA A 69 -15.96 1.49 6.03
N ALA A 70 -15.06 0.58 6.37
CA ALA A 70 -14.03 0.14 5.44
C ALA A 70 -14.63 -0.70 4.32
N VAL A 71 -15.68 -1.46 4.62
CA VAL A 71 -16.36 -2.26 3.61
C VAL A 71 -16.90 -1.36 2.50
N ALA A 72 -17.34 -0.16 2.87
CA ALA A 72 -17.79 0.82 1.89
C ALA A 72 -16.69 1.12 0.88
N ALA A 73 -15.46 1.22 1.36
CA ALA A 73 -14.31 1.44 0.50
C ALA A 73 -14.05 0.22 -0.39
N ALA A 74 -14.20 -0.97 0.19
CA ALA A 74 -14.01 -2.20 -0.56
C ALA A 74 -14.97 -2.28 -1.74
N ALA A 75 -16.19 -1.78 -1.52
CA ALA A 75 -17.25 -1.89 -2.52
C ALA A 75 -17.01 -1.02 -3.75
N ILE A 76 -16.14 -0.03 -3.62
CA ILE A 76 -15.81 0.83 -4.75
C ILE A 76 -15.24 0.01 -5.91
N ARG A 77 -14.51 -1.05 -5.58
CA ARG A 77 -13.92 -1.92 -6.61
C ARG A 77 -15.00 -2.58 -7.45
N LEU A 78 -16.23 -2.62 -6.93
CA LEU A 78 -17.36 -3.24 -7.62
C LEU A 78 -18.13 -2.24 -8.48
N SER A 79 -17.76 -0.97 -8.39
CA SER A 79 -18.52 0.10 -9.04
C SER A 79 -18.48 -0.01 -10.56
N THR A 80 -19.60 0.32 -11.18
CA THR A 80 -19.69 0.35 -12.64
C THR A 80 -19.33 1.74 -13.17
N VAL A 81 -19.20 2.69 -12.26
CA VAL A 81 -18.98 4.09 -12.66
C VAL A 81 -17.66 4.65 -12.17
N VAL A 82 -16.96 3.87 -11.36
CA VAL A 82 -15.58 4.20 -11.01
C VAL A 82 -14.66 3.18 -11.66
N ARG A 83 -13.70 3.64 -12.45
CA ARG A 83 -12.76 2.74 -13.08
C ARG A 83 -11.58 2.49 -12.16
N VAL A 84 -11.42 1.24 -11.73
CA VAL A 84 -10.33 0.89 -10.83
C VAL A 84 -9.20 0.24 -11.60
N GLU A 85 -8.09 0.97 -11.72
CA GLU A 85 -6.93 0.48 -12.47
C GLU A 85 -6.05 -0.40 -11.59
N HIS A 86 -5.73 -1.59 -12.08
CA HIS A 86 -4.74 -2.44 -11.43
C HIS A 86 -3.37 -1.96 -11.90
N VAL A 87 -2.59 -1.39 -10.99
CA VAL A 87 -1.27 -0.90 -11.33
C VAL A 87 -0.38 -2.07 -11.75
N THR A 88 0.12 -2.01 -12.98
CA THR A 88 0.94 -3.08 -13.53
C THR A 88 2.33 -3.07 -12.92
N ALA A 89 3.06 -4.16 -13.10
CA ALA A 89 4.43 -4.24 -12.63
C ALA A 89 5.30 -3.15 -13.27
N ASP A 90 5.03 -2.87 -14.54
CA ASP A 90 5.80 -1.87 -15.28
C ASP A 90 5.55 -0.46 -14.74
N LEU A 91 4.30 -0.15 -14.40
CA LEU A 91 3.98 1.14 -13.82
C LEU A 91 4.59 1.28 -12.44
N GLU A 92 4.62 0.18 -11.68
CA GLU A 92 5.29 0.19 -10.38
C GLU A 92 6.78 0.46 -10.55
N GLU A 93 7.39 -0.14 -11.58
CA GLU A 93 8.80 0.10 -11.84
C GLU A 93 9.06 1.58 -12.16
N GLN A 94 8.18 2.20 -12.93
CA GLN A 94 8.31 3.62 -13.23
C GLN A 94 8.18 4.43 -11.95
N ALA A 95 7.26 4.02 -11.09
CA ALA A 95 7.05 4.69 -9.81
C ALA A 95 8.28 4.58 -8.91
N TRP A 96 8.88 3.39 -8.89
CA TRP A 96 10.11 3.18 -8.12
C TRP A 96 11.25 4.08 -8.59
N GLU A 97 11.46 4.12 -9.90
CA GLU A 97 12.52 4.94 -10.47
C GLU A 97 12.24 6.41 -10.18
N TRP A 98 10.97 6.80 -10.25
CA TRP A 98 10.55 8.14 -9.89
C TRP A 98 10.85 8.48 -8.43
N LEU A 99 10.50 7.57 -7.52
CA LEU A 99 10.75 7.75 -6.08
C LEU A 99 12.21 7.95 -5.77
N VAL A 100 13.05 7.15 -6.41
CA VAL A 100 14.48 7.23 -6.18
C VAL A 100 15.04 8.58 -6.61
N ARG A 101 14.52 9.14 -7.70
N ARG A 101 14.51 9.14 -7.69
CA ARG A 101 14.99 10.42 -8.20
CA ARG A 101 15.02 10.42 -8.19
C ARG A 101 14.53 11.59 -7.35
C ARG A 101 14.52 11.61 -7.38
N HIS A 102 13.27 11.56 -6.93
CA HIS A 102 12.67 12.70 -6.25
C HIS A 102 12.90 12.71 -4.73
N ASP A 103 14.10 13.12 -4.34
CA ASP A 103 14.48 13.19 -2.93
C ASP A 103 14.17 14.56 -2.32
N GLU A 104 13.62 15.46 -3.12
CA GLU A 104 13.39 16.83 -2.67
C GLU A 104 12.17 16.92 -1.75
N ARG A 105 11.38 15.86 -1.70
CA ARG A 105 10.13 15.86 -0.94
C ARG A 105 9.78 14.45 -0.52
N GLU A 106 9.05 14.32 0.59
CA GLU A 106 8.65 13.01 1.08
C GLU A 106 7.41 12.48 0.36
N TYR A 107 7.62 11.50 -0.50
CA TYR A 107 6.54 10.89 -1.27
C TYR A 107 6.30 9.44 -0.88
N SER A 108 5.04 9.05 -0.79
CA SER A 108 4.68 7.67 -0.50
C SER A 108 4.71 6.83 -1.77
N PHE A 109 4.78 5.51 -1.61
CA PHE A 109 4.75 4.61 -2.75
C PHE A 109 3.40 4.65 -3.47
N VAL A 110 2.31 4.66 -2.72
CA VAL A 110 0.99 4.70 -3.35
C VAL A 110 0.85 5.96 -4.20
N ASP A 111 1.29 7.09 -3.67
CA ASP A 111 1.24 8.34 -4.43
C ASP A 111 2.08 8.25 -5.71
N ALA A 112 3.25 7.62 -5.62
CA ALA A 112 4.11 7.47 -6.79
C ALA A 112 3.44 6.64 -7.88
N THR A 113 2.74 5.57 -7.48
CA THR A 113 2.03 4.74 -8.45
C THR A 113 0.85 5.53 -9.02
N SER A 114 0.21 6.33 -8.18
CA SER A 114 -0.90 7.16 -8.63
C SER A 114 -0.43 8.16 -9.67
N PHE A 115 0.72 8.79 -9.42
CA PHE A 115 1.31 9.74 -10.37
C PHE A 115 1.62 9.03 -11.69
N ALA A 116 2.16 7.82 -11.60
CA ALA A 116 2.49 7.06 -12.80
C ALA A 116 1.25 6.71 -13.61
N VAL A 117 0.17 6.35 -12.91
CA VAL A 117 -1.08 6.02 -13.60
C VAL A 117 -1.63 7.25 -14.32
N MET A 118 -1.68 8.37 -13.61
CA MET A 118 -2.18 9.62 -14.20
C MET A 118 -1.35 10.04 -15.42
N ARG A 119 -0.03 9.91 -15.32
CA ARG A 119 0.85 10.27 -16.44
C ARG A 119 0.54 9.39 -17.66
N LYS A 120 0.40 8.10 -17.41
CA LYS A 120 0.14 7.12 -18.47
C LYS A 120 -1.22 7.37 -19.12
N LYS A 121 -2.21 7.70 -18.30
CA LYS A 121 -3.58 7.88 -18.79
C LYS A 121 -3.84 9.28 -19.32
N GLY A 122 -2.87 10.17 -19.15
CA GLY A 122 -3.02 11.55 -19.59
C GLY A 122 -4.02 12.32 -18.76
N ILE A 123 -4.04 12.06 -17.46
CA ILE A 123 -4.91 12.74 -16.51
C ILE A 123 -4.11 13.72 -15.66
N GLN A 124 -4.59 14.95 -15.52
CA GLN A 124 -3.89 15.91 -14.67
C GLN A 124 -4.72 16.31 -13.46
N ASN A 125 -6.04 16.20 -13.59
CA ASN A 125 -6.93 16.59 -12.51
C ASN A 125 -7.12 15.47 -11.51
N ALA A 126 -6.83 15.76 -10.25
CA ALA A 126 -6.97 14.75 -9.21
C ALA A 126 -7.99 15.19 -8.16
N TYR A 127 -8.76 14.24 -7.67
CA TYR A 127 -9.54 14.43 -6.46
C TYR A 127 -8.67 13.99 -5.30
N ALA A 128 -8.11 14.96 -4.59
CA ALA A 128 -7.11 14.69 -3.57
C ALA A 128 -6.91 15.90 -2.68
N PHE A 129 -6.43 15.68 -1.46
CA PHE A 129 -6.16 16.78 -0.54
C PHE A 129 -4.71 16.79 -0.07
N ASP A 130 -4.30 17.93 0.51
CA ASP A 130 -3.06 18.06 1.27
C ASP A 130 -1.72 18.04 0.50
N GLY A 131 -1.74 18.35 -0.80
CA GLY A 131 -0.53 18.83 -1.45
C GLY A 131 0.42 17.96 -2.26
N ASP A 132 0.48 16.66 -2.01
CA ASP A 132 1.44 15.80 -2.70
C ASP A 132 1.23 15.81 -4.22
N PHE A 133 -0.03 15.76 -4.64
CA PHE A 133 -0.35 15.73 -6.06
C PHE A 133 -0.02 17.06 -6.73
N SER A 134 -0.28 18.16 -6.05
CA SER A 134 0.05 19.49 -6.58
C SER A 134 1.56 19.61 -6.78
N ALA A 135 2.33 19.12 -5.81
CA ALA A 135 3.78 19.23 -5.85
C ALA A 135 4.36 18.40 -6.99
N ALA A 136 3.69 17.31 -7.33
CA ALA A 136 4.18 16.43 -8.39
C ALA A 136 3.67 16.82 -9.77
N GLY A 137 3.00 17.97 -9.85
CA GLY A 137 2.62 18.55 -11.13
C GLY A 137 1.18 18.35 -11.54
N PHE A 138 0.33 17.89 -10.63
CA PHE A 138 -1.07 17.65 -10.97
C PHE A 138 -1.94 18.75 -10.36
N VAL A 139 -3.23 18.73 -10.69
CA VAL A 139 -4.16 19.71 -10.16
C VAL A 139 -5.07 19.08 -9.12
N GLU A 140 -4.97 19.55 -7.89
CA GLU A 140 -5.92 19.13 -6.86
C GLU A 140 -7.17 19.99 -6.95
N VAL A 141 -8.18 19.46 -7.64
CA VAL A 141 -9.39 20.19 -7.96
C VAL A 141 -10.12 20.67 -6.71
N ARG A 142 -10.55 21.93 -6.73
CA ARG A 142 -11.32 22.51 -5.64
C ARG A 142 -12.61 23.09 -6.21
N PRO A 143 -13.66 23.18 -5.38
CA PRO A 143 -14.87 23.90 -5.78
C PRO A 143 -14.59 25.37 -6.08
N ALA B 13 11.53 -24.12 5.31
CA ALA B 13 12.05 -24.13 3.95
C ALA B 13 11.93 -22.75 3.29
N SER B 14 10.77 -22.12 3.45
CA SER B 14 10.53 -20.81 2.87
C SER B 14 9.90 -19.85 3.88
N ILE B 15 10.12 -18.56 3.68
CA ILE B 15 9.50 -17.53 4.50
C ILE B 15 8.90 -16.43 3.64
N PHE B 16 7.88 -15.77 4.17
CA PHE B 16 7.36 -14.56 3.55
C PHE B 16 7.73 -13.38 4.44
N VAL B 17 8.26 -12.32 3.85
CA VAL B 17 8.77 -11.22 4.65
C VAL B 17 7.83 -10.04 4.66
N ASP B 18 7.44 -9.63 5.86
CA ASP B 18 6.49 -8.53 6.05
C ASP B 18 7.19 -7.19 6.24
N THR B 19 6.45 -6.12 6.01
CA THR B 19 6.91 -4.75 6.25
C THR B 19 7.54 -4.55 7.63
N SER B 20 6.92 -5.14 8.65
CA SER B 20 7.42 -4.96 10.01
C SER B 20 8.87 -5.45 10.13
N PHE B 21 9.20 -6.50 9.37
CA PHE B 21 10.56 -7.03 9.41
C PHE B 21 11.51 -6.17 8.55
N TRP B 22 11.09 -5.85 7.33
CA TRP B 22 11.94 -5.04 6.45
C TRP B 22 12.30 -3.71 7.11
N ALA B 23 11.30 -3.10 7.77
CA ALA B 23 11.50 -1.81 8.42
C ALA B 23 12.49 -1.91 9.56
N ALA B 24 12.42 -3.01 10.31
CA ALA B 24 13.37 -3.24 11.39
C ALA B 24 14.77 -3.50 10.86
N LEU B 25 14.86 -4.22 9.75
CA LEU B 25 16.16 -4.57 9.18
C LEU B 25 16.83 -3.35 8.55
N GLY B 26 16.03 -2.51 7.90
CA GLY B 26 16.56 -1.36 7.17
C GLY B 26 16.68 -0.09 8.00
N ASN B 27 16.41 -0.20 9.29
CA ASN B 27 16.53 0.94 10.20
C ASN B 27 17.33 0.56 11.43
N ALA B 28 18.58 1.00 11.49
CA ALA B 28 19.47 0.65 12.60
C ALA B 28 18.97 1.22 13.92
N GLY B 29 18.10 2.22 13.85
CA GLY B 29 17.54 2.84 15.03
C GLY B 29 16.24 2.19 15.48
N ASP B 30 15.81 1.16 14.76
CA ASP B 30 14.63 0.38 15.14
C ASP B 30 14.95 -0.46 16.36
N ALA B 31 14.03 -0.53 17.32
CA ALA B 31 14.26 -1.28 18.54
C ALA B 31 14.50 -2.76 18.27
N ARG B 32 13.93 -3.26 17.17
CA ARG B 32 14.05 -4.67 16.83
C ARG B 32 15.11 -4.93 15.75
N HIS B 33 15.97 -3.94 15.51
CA HIS B 33 16.99 -4.05 14.46
C HIS B 33 17.95 -5.21 14.70
N GLY B 34 18.42 -5.34 15.94
CA GLY B 34 19.31 -6.42 16.30
C GLY B 34 18.66 -7.78 16.09
N THR B 35 17.41 -7.89 16.55
CA THR B 35 16.64 -9.13 16.39
C THR B 35 16.45 -9.46 14.92
N ALA B 36 16.17 -8.43 14.11
CA ALA B 36 15.99 -8.61 12.68
C ALA B 36 17.26 -9.14 12.01
N LYS B 37 18.41 -8.57 12.38
CA LYS B 37 19.68 -9.00 11.78
C LYS B 37 19.99 -10.46 12.11
N ARG B 38 19.68 -10.87 13.34
CA ARG B 38 19.92 -12.25 13.75
C ARG B 38 19.03 -13.20 12.97
N LEU B 39 17.76 -12.83 12.80
CA LEU B 39 16.83 -13.63 12.03
C LEU B 39 17.24 -13.71 10.56
N TRP B 40 17.70 -12.58 10.02
CA TRP B 40 18.14 -12.51 8.64
C TRP B 40 19.31 -13.46 8.39
N ALA B 41 20.18 -13.59 9.39
CA ALA B 41 21.35 -14.44 9.25
C ALA B 41 21.02 -15.93 9.30
N SER B 42 19.88 -16.27 9.90
CA SER B 42 19.49 -17.68 10.04
C SER B 42 18.31 -18.03 9.14
N LYS B 43 18.01 -17.17 8.18
CA LYS B 43 16.88 -17.39 7.29
C LYS B 43 17.12 -18.58 6.36
N PRO B 44 16.04 -19.21 5.87
CA PRO B 44 16.11 -20.30 4.90
C PRO B 44 16.48 -19.79 3.50
N PRO B 45 16.78 -20.70 2.55
CA PRO B 45 17.20 -20.28 1.21
C PRO B 45 16.12 -19.57 0.40
N VAL B 46 14.85 -19.92 0.61
CA VAL B 46 13.77 -19.33 -0.18
C VAL B 46 13.11 -18.17 0.57
N VAL B 47 13.32 -16.96 0.07
CA VAL B 47 12.83 -15.75 0.71
C VAL B 47 11.92 -14.95 -0.21
N MET B 48 10.66 -14.78 0.21
CA MET B 48 9.67 -14.13 -0.63
C MET B 48 9.07 -12.91 0.07
N THR B 49 8.67 -11.92 -0.73
CA THR B 49 7.89 -10.80 -0.24
C THR B 49 6.94 -10.37 -1.35
N SER B 50 6.28 -9.23 -1.21
CA SER B 50 5.34 -8.80 -2.24
C SER B 50 5.54 -7.34 -2.64
N ASN B 51 4.95 -6.96 -3.76
CA ASN B 51 5.01 -5.57 -4.23
C ASN B 51 4.33 -4.65 -3.22
N HIS B 52 3.21 -5.09 -2.65
CA HIS B 52 2.51 -4.26 -1.68
C HIS B 52 3.36 -4.04 -0.42
N VAL B 53 4.05 -5.09 0.01
CA VAL B 53 4.90 -5.00 1.19
C VAL B 53 6.08 -4.05 0.94
N LEU B 54 6.74 -4.21 -0.20
CA LEU B 54 7.88 -3.35 -0.52
C LEU B 54 7.44 -1.89 -0.58
N GLY B 55 6.27 -1.66 -1.16
CA GLY B 55 5.72 -0.32 -1.22
C GLY B 55 5.48 0.25 0.16
N GLU B 56 4.89 -0.56 1.04
CA GLU B 56 4.56 -0.11 2.38
C GLU B 56 5.85 0.13 3.15
N THR B 57 6.86 -0.67 2.86
CA THR B 57 8.17 -0.55 3.48
C THR B 57 8.87 0.74 3.06
N TRP B 58 8.82 1.08 1.78
CA TRP B 58 9.33 2.37 1.30
C TRP B 58 8.73 3.51 2.12
N THR B 59 7.40 3.51 2.19
CA THR B 59 6.68 4.62 2.79
C THR B 59 7.04 4.78 4.26
N LEU B 60 7.11 3.65 4.96
CA LEU B 60 7.44 3.64 6.38
C LEU B 60 8.86 4.13 6.64
N LEU B 61 9.83 3.60 5.88
CA LEU B 61 11.23 3.99 6.04
C LEU B 61 11.49 5.43 5.60
N ASN B 62 10.79 5.88 4.56
CA ASN B 62 10.94 7.25 4.08
C ASN B 62 10.44 8.23 5.13
N ARG B 63 9.38 7.83 5.83
CA ARG B 63 8.80 8.66 6.89
C ARG B 63 9.65 8.68 8.14
N ARG B 64 10.09 7.50 8.57
N ARG B 64 10.09 7.50 8.59
CA ARG B 64 10.83 7.36 9.83
CA ARG B 64 10.84 7.38 9.83
C ARG B 64 12.29 7.79 9.70
C ARG B 64 12.28 7.85 9.68
N CSO B 65 12.94 7.40 8.62
CA CSO B 65 14.36 7.71 8.42
CB CSO B 65 15.16 6.45 8.13
SG CSO B 65 14.90 5.25 9.45
C CSO B 65 14.64 8.78 7.39
O CSO B 65 15.81 9.11 7.13
OD CSO B 65 16.07 5.56 10.76
N GLY B 66 14.05 8.65 6.21
CA GLY B 66 14.31 9.58 5.13
C GLY B 66 14.58 8.86 3.83
N HIS B 67 14.91 9.63 2.79
CA HIS B 67 14.98 9.12 1.43
C HIS B 67 16.05 8.06 1.23
N ARG B 68 17.22 8.24 1.83
CA ARG B 68 18.34 7.32 1.62
C ARG B 68 18.02 5.92 2.14
N ALA B 69 17.50 5.84 3.36
CA ALA B 69 17.13 4.55 3.94
C ALA B 69 16.05 3.87 3.11
N ALA B 70 15.12 4.67 2.60
CA ALA B 70 14.02 4.16 1.80
C ALA B 70 14.51 3.59 0.48
N VAL B 71 15.54 4.23 -0.09
CA VAL B 71 16.11 3.77 -1.35
C VAL B 71 16.67 2.35 -1.21
N ALA B 72 17.18 2.03 -0.04
CA ALA B 72 17.67 0.68 0.25
C ALA B 72 16.56 -0.35 0.09
N ALA B 73 15.35 0.00 0.55
CA ALA B 73 14.21 -0.89 0.44
C ALA B 73 13.76 -1.04 -1.01
N ALA B 74 13.83 0.06 -1.76
CA ALA B 74 13.48 0.06 -3.18
C ALA B 74 14.33 -0.95 -3.95
N ALA B 75 15.58 -1.08 -3.53
CA ALA B 75 16.54 -1.92 -4.24
C ALA B 75 16.25 -3.41 -4.08
N ILE B 76 15.47 -3.76 -3.07
CA ILE B 76 15.11 -5.16 -2.84
C ILE B 76 14.39 -5.73 -4.06
N ARG B 77 13.66 -4.88 -4.76
CA ARG B 77 12.97 -5.29 -5.97
C ARG B 77 13.96 -5.73 -7.06
N LEU B 78 15.22 -5.30 -6.95
CA LEU B 78 16.25 -5.66 -7.91
C LEU B 78 16.97 -6.95 -7.52
N SER B 79 16.67 -7.47 -6.34
CA SER B 79 17.38 -8.64 -5.83
C SER B 79 17.19 -9.88 -6.69
N THR B 80 18.27 -10.65 -6.82
CA THR B 80 18.21 -11.95 -7.49
C THR B 80 17.99 -13.05 -6.45
N VAL B 81 17.99 -12.65 -5.18
CA VAL B 81 17.90 -13.59 -4.07
C VAL B 81 16.52 -13.58 -3.44
N VAL B 82 15.96 -12.39 -3.24
CA VAL B 82 14.63 -12.25 -2.69
C VAL B 82 13.60 -12.30 -3.82
N ARG B 83 12.63 -13.21 -3.69
CA ARG B 83 11.55 -13.31 -4.68
C ARG B 83 10.46 -12.30 -4.36
N VAL B 84 10.18 -11.41 -5.31
CA VAL B 84 9.18 -10.39 -5.10
C VAL B 84 7.93 -10.68 -5.92
N GLU B 85 6.88 -11.13 -5.22
CA GLU B 85 5.63 -11.49 -5.87
C GLU B 85 4.78 -10.27 -6.17
N HIS B 86 4.42 -10.07 -7.43
CA HIS B 86 3.42 -9.06 -7.79
C HIS B 86 2.04 -9.65 -7.61
N VAL B 87 1.30 -9.17 -6.63
CA VAL B 87 -0.03 -9.70 -6.33
C VAL B 87 -0.96 -9.49 -7.52
N THR B 88 -1.47 -10.59 -8.06
CA THR B 88 -2.35 -10.53 -9.23
C THR B 88 -3.72 -9.98 -8.88
N ALA B 89 -4.48 -9.60 -9.91
CA ALA B 89 -5.84 -9.10 -9.73
C ALA B 89 -6.70 -10.14 -9.04
N ASP B 90 -6.55 -11.40 -9.43
CA ASP B 90 -7.28 -12.51 -8.83
C ASP B 90 -7.00 -12.65 -7.34
N LEU B 91 -5.72 -12.57 -6.98
CA LEU B 91 -5.32 -12.72 -5.59
C LEU B 91 -5.83 -11.55 -4.76
N GLU B 92 -5.76 -10.34 -5.34
CA GLU B 92 -6.30 -9.16 -4.67
C GLU B 92 -7.79 -9.29 -4.39
N GLU B 93 -8.54 -9.87 -5.34
CA GLU B 93 -9.97 -10.02 -5.16
C GLU B 93 -10.25 -10.98 -4.01
N GLN B 94 -9.43 -12.03 -3.88
CA GLN B 94 -9.57 -12.96 -2.77
C GLN B 94 -9.25 -12.24 -1.47
N ALA B 95 -8.26 -11.36 -1.49
CA ALA B 95 -7.90 -10.57 -0.33
C ALA B 95 -9.05 -9.65 0.10
N TRP B 96 -9.74 -9.06 -0.87
CA TRP B 96 -10.88 -8.20 -0.55
C TRP B 96 -12.02 -8.98 0.09
N GLU B 97 -12.33 -10.14 -0.48
CA GLU B 97 -13.40 -10.99 0.05
C GLU B 97 -13.03 -11.42 1.46
N TRP B 98 -11.75 -11.71 1.66
CA TRP B 98 -11.22 -12.10 2.97
C TRP B 98 -11.42 -10.97 3.97
N LEU B 99 -11.05 -9.75 3.57
CA LEU B 99 -11.17 -8.57 4.41
C LEU B 99 -12.61 -8.31 4.85
N VAL B 100 -13.53 -8.42 3.90
CA VAL B 100 -14.94 -8.18 4.17
C VAL B 100 -15.48 -9.24 5.13
N ARG B 101 -14.94 -10.44 5.02
CA ARG B 101 -15.41 -11.57 5.83
C ARG B 101 -14.85 -11.56 7.26
N HIS B 102 -13.62 -11.09 7.42
CA HIS B 102 -12.93 -11.17 8.71
C HIS B 102 -13.04 -9.91 9.56
N ASP B 103 -14.21 -9.72 10.17
CA ASP B 103 -14.45 -8.54 11.01
C ASP B 103 -14.07 -8.77 12.48
N GLU B 104 -13.46 -9.90 12.79
CA GLU B 104 -13.14 -10.23 14.18
C GLU B 104 -11.91 -9.48 14.70
N ARG B 105 -11.14 -8.91 13.78
CA ARG B 105 -9.89 -8.23 14.13
C ARG B 105 -9.52 -7.22 13.04
N GLU B 106 -8.89 -6.13 13.42
CA GLU B 106 -8.45 -5.12 12.45
C GLU B 106 -7.30 -5.64 11.60
N TYR B 107 -7.56 -5.84 10.31
CA TYR B 107 -6.52 -6.24 9.36
C TYR B 107 -6.35 -5.19 8.28
N SER B 108 -5.10 -4.93 7.89
CA SER B 108 -4.82 -4.01 6.80
C SER B 108 -4.96 -4.71 5.46
N PHE B 109 -5.12 -3.92 4.40
CA PHE B 109 -5.14 -4.47 3.05
C PHE B 109 -3.85 -5.21 2.69
N VAL B 110 -2.71 -4.61 3.04
CA VAL B 110 -1.43 -5.24 2.73
C VAL B 110 -1.30 -6.59 3.43
N ASP B 111 -1.74 -6.66 4.68
CA ASP B 111 -1.73 -7.93 5.40
C ASP B 111 -2.60 -8.97 4.70
N ALA B 112 -3.79 -8.56 4.28
CA ALA B 112 -4.70 -9.49 3.60
C ALA B 112 -4.08 -10.04 2.32
N THR B 113 -3.35 -9.20 1.58
CA THR B 113 -2.72 -9.67 0.35
C THR B 113 -1.53 -10.56 0.70
N SER B 114 -0.87 -10.28 1.81
CA SER B 114 0.25 -11.10 2.25
C SER B 114 -0.23 -12.49 2.61
N PHE B 115 -1.33 -12.55 3.35
CA PHE B 115 -1.92 -13.83 3.73
C PHE B 115 -2.29 -14.64 2.50
N ALA B 116 -2.84 -13.96 1.51
CA ALA B 116 -3.25 -14.60 0.26
C ALA B 116 -2.07 -15.14 -0.52
N VAL B 117 -0.96 -14.42 -0.51
CA VAL B 117 0.25 -14.88 -1.18
C VAL B 117 0.78 -16.14 -0.50
N MET B 118 0.78 -16.13 0.84
CA MET B 118 1.31 -17.26 1.59
C MET B 118 0.45 -18.51 1.38
N ARG B 119 -0.87 -18.32 1.32
CA ARG B 119 -1.77 -19.42 1.02
C ARG B 119 -1.51 -19.98 -0.38
N LYS B 120 -1.32 -19.08 -1.34
CA LYS B 120 -1.06 -19.47 -2.72
C LYS B 120 0.26 -20.24 -2.83
N LYS B 121 1.28 -19.75 -2.13
CA LYS B 121 2.62 -20.31 -2.25
C LYS B 121 2.90 -21.44 -1.26
N GLY B 122 1.95 -21.68 -0.36
CA GLY B 122 2.09 -22.75 0.61
C GLY B 122 3.12 -22.42 1.68
N ILE B 123 3.22 -21.13 1.99
CA ILE B 123 4.16 -20.66 2.99
C ILE B 123 3.46 -20.54 4.34
N GLN B 124 4.10 -21.06 5.39
CA GLN B 124 3.52 -20.98 6.73
C GLN B 124 4.31 -20.02 7.62
N ASN B 125 5.60 -19.86 7.31
CA ASN B 125 6.48 -19.02 8.11
C ASN B 125 6.60 -17.60 7.58
N ALA B 126 6.41 -16.62 8.46
CA ALA B 126 6.57 -15.24 8.07
C ALA B 126 7.64 -14.55 8.91
N TYR B 127 8.49 -13.75 8.25
CA TYR B 127 9.33 -12.84 9.00
C TYR B 127 8.52 -11.58 9.26
N ALA B 128 8.01 -11.46 10.48
CA ALA B 128 7.12 -10.38 10.84
C ALA B 128 7.09 -10.24 12.34
N PHE B 129 6.70 -9.05 12.80
CA PHE B 129 6.54 -8.80 14.22
C PHE B 129 5.10 -8.33 14.43
N ASP B 130 4.73 -8.09 15.69
CA ASP B 130 3.45 -7.47 16.06
C ASP B 130 2.19 -8.35 15.93
N GLY B 131 2.37 -9.60 15.50
CA GLY B 131 1.35 -10.61 15.74
C GLY B 131 0.13 -10.73 14.84
N ASP B 132 0.06 -9.96 13.76
CA ASP B 132 -1.08 -10.04 12.86
C ASP B 132 -1.06 -11.35 12.06
N PHE B 133 0.13 -11.77 11.64
CA PHE B 133 0.28 -13.04 10.96
C PHE B 133 -0.03 -14.22 11.89
N SER B 134 0.39 -14.11 13.15
CA SER B 134 0.07 -15.13 14.15
C SER B 134 -1.43 -15.25 14.34
N ALA B 135 -2.11 -14.10 14.40
CA ALA B 135 -3.57 -14.11 14.58
C ALA B 135 -4.26 -14.73 13.38
N ALA B 136 -3.66 -14.57 12.20
CA ALA B 136 -4.26 -15.06 10.96
C ALA B 136 -3.92 -16.53 10.72
N GLY B 137 -3.14 -17.12 11.61
CA GLY B 137 -2.88 -18.54 11.56
C GLY B 137 -1.55 -18.95 10.97
N PHE B 138 -0.66 -17.97 10.78
CA PHE B 138 0.68 -18.25 10.30
C PHE B 138 1.68 -18.21 11.45
N VAL B 139 2.93 -18.51 11.16
CA VAL B 139 3.97 -18.49 12.18
C VAL B 139 4.91 -17.31 11.98
N GLU B 140 4.98 -16.43 12.97
CA GLU B 140 5.98 -15.36 12.95
C GLU B 140 7.26 -15.88 13.59
N VAL B 141 8.28 -16.04 12.76
CA VAL B 141 9.52 -16.65 13.20
C VAL B 141 10.22 -15.80 14.25
N ARG B 142 10.71 -16.45 15.30
CA ARG B 142 11.38 -15.78 16.40
C ARG B 142 12.81 -16.31 16.58
N PRO B 143 13.73 -15.46 17.08
CA PRO B 143 15.11 -15.89 17.28
C PRO B 143 15.28 -16.80 18.48
#